data_2WNO
#
_entry.id   2WNO
#
_cell.length_a   56.929
_cell.length_b   56.929
_cell.length_c   112.572
_cell.angle_alpha   90.00
_cell.angle_beta   90.00
_cell.angle_gamma   90.00
#
_symmetry.space_group_name_H-M   'P 43 21 2'
#
loop_
_entity.id
_entity.type
_entity.pdbx_description
1 polymer 'TUMOR NECROSIS FACTOR-INDUCIBLE GENE 6 PROTEIN'
2 non-polymer 'COBALT (II) ION'
3 non-polymer 'CALCIUM ION'
4 water water
#
_entity_poly.entity_id   1
_entity_poly.type   'polypeptide(L)'
_entity_poly.pdbx_seq_one_letter_code
;NPHAKECGGVFTDPKQIFKSPGFPNEYEDNQICYWHIRLKYGQRIHLSFLDFDLEDDPGCLADYVEIYDSYDDVHGFVGR
YCGDELPDDIISTGNVMTLKFLSDASVTAGGFQIKYVAMDPVSKSSQGKNTSTTSTGNKNFLAGRFSHL
;
_entity_poly.pdbx_strand_id   A
#
loop_
_chem_comp.id
_chem_comp.type
_chem_comp.name
_chem_comp.formula
CA non-polymer 'CALCIUM ION' 'Ca 2'
CO non-polymer 'COBALT (II) ION' 'Co 2'
#
# COMPACT_ATOMS: atom_id res chain seq x y z
N HIS A 3 -2.90 11.75 -16.77
CA HIS A 3 -4.08 11.75 -15.84
C HIS A 3 -4.06 10.58 -14.86
N ALA A 4 -3.32 10.68 -13.74
CA ALA A 4 -2.35 11.75 -13.47
C ALA A 4 -1.66 11.49 -12.12
N LYS A 5 -2.19 12.14 -11.08
CA LYS A 5 -1.84 11.86 -9.71
C LYS A 5 -3.06 11.16 -9.10
N GLU A 6 -3.87 10.56 -9.98
CA GLU A 6 -5.04 9.76 -9.62
C GLU A 6 -4.62 8.36 -9.19
N CYS A 7 -5.21 7.88 -8.10
CA CYS A 7 -4.86 6.59 -7.53
C CYS A 7 -5.87 6.18 -6.45
N GLY A 8 -6.02 4.86 -6.30
CA GLY A 8 -6.78 4.31 -5.21
C GLY A 8 -8.22 3.95 -5.54
N GLY A 9 -8.98 3.69 -4.48
CA GLY A 9 -10.35 3.25 -4.60
C GLY A 9 -10.53 1.90 -3.96
N VAL A 10 -11.48 1.14 -4.48
CA VAL A 10 -11.86 -0.13 -3.93
C VAL A 10 -11.53 -1.22 -4.94
N PHE A 11 -10.99 -2.32 -4.43
CA PHE A 11 -10.53 -3.43 -5.27
C PHE A 11 -11.04 -4.73 -4.72
N THR A 12 -11.72 -5.50 -5.57
CA THR A 12 -12.45 -6.70 -5.17
C THR A 12 -12.05 -7.95 -6.00
N ASP A 13 -11.09 -7.78 -6.89
CA ASP A 13 -10.61 -8.89 -7.72
C ASP A 13 -9.73 -9.86 -6.93
N PRO A 14 -9.59 -11.12 -7.42
CA PRO A 14 -8.74 -12.10 -6.75
C PRO A 14 -7.29 -11.64 -6.57
N LYS A 15 -6.79 -10.87 -7.53
CA LYS A 15 -5.38 -10.49 -7.59
C LYS A 15 -5.24 -9.10 -8.21
N GLN A 16 -4.28 -8.33 -7.71
CA GLN A 16 -3.90 -7.07 -8.36
C GLN A 16 -2.55 -6.56 -7.88
N ILE A 17 -1.85 -5.85 -8.76
CA ILE A 17 -0.61 -5.19 -8.42
C ILE A 17 -0.84 -3.68 -8.42
N PHE A 18 -0.61 -3.06 -7.27
CA PHE A 18 -0.75 -1.61 -7.13
C PHE A 18 0.59 -0.95 -7.37
N LYS A 19 0.58 0.12 -8.16
CA LYS A 19 1.78 0.91 -8.41
C LYS A 19 1.63 2.28 -7.78
N SER A 20 2.74 2.87 -7.34
CA SER A 20 2.74 4.27 -6.95
C SER A 20 2.49 5.07 -8.23
N PRO A 21 1.78 6.21 -8.13
CA PRO A 21 1.54 7.02 -9.32
C PRO A 21 2.84 7.37 -10.05
N GLY A 22 2.86 7.15 -11.37
CA GLY A 22 4.05 7.43 -12.16
C GLY A 22 5.00 6.26 -12.37
N PHE A 23 4.92 5.23 -11.52
CA PHE A 23 5.84 4.10 -11.58
C PHE A 23 5.94 3.57 -13.01
N PRO A 24 7.17 3.31 -13.50
CA PRO A 24 8.48 3.26 -12.82
C PRO A 24 9.20 4.60 -12.60
N ASN A 25 8.57 5.71 -12.97
CA ASN A 25 9.12 7.01 -12.64
C ASN A 25 8.97 7.25 -11.16
N GLU A 26 9.78 8.15 -10.62
CA GLU A 26 9.64 8.53 -9.21
C GLU A 26 8.24 9.09 -8.97
N TYR A 27 7.74 8.90 -7.75
CA TYR A 27 6.49 9.53 -7.35
C TYR A 27 6.71 11.04 -7.21
N GLU A 28 5.62 11.79 -7.15
CA GLU A 28 5.70 13.23 -6.94
C GLU A 28 5.48 13.60 -5.47
N ASP A 29 5.76 14.87 -5.15
CA ASP A 29 5.49 15.42 -3.82
C ASP A 29 4.00 15.57 -3.60
N ASN A 30 3.59 15.56 -2.32
CA ASN A 30 2.21 15.83 -1.92
C ASN A 30 1.21 14.83 -2.45
N GLN A 31 1.68 13.59 -2.65
CA GLN A 31 0.83 12.52 -3.13
C GLN A 31 0.16 11.79 -1.96
N ILE A 32 -1.13 11.48 -2.13
CA ILE A 32 -1.88 10.64 -1.21
C ILE A 32 -2.74 9.68 -2.01
N CYS A 33 -2.63 8.40 -1.66
CA CYS A 33 -3.41 7.32 -2.28
C CYS A 33 -3.94 6.37 -1.21
N TYR A 34 -5.19 5.96 -1.38
CA TYR A 34 -5.80 4.93 -0.54
C TYR A 34 -6.26 3.77 -1.42
N TRP A 35 -5.82 2.57 -1.09
CA TRP A 35 -6.34 1.35 -1.72
C TRP A 35 -7.06 0.50 -0.68
N HIS A 36 -8.32 0.18 -0.95
CA HIS A 36 -9.12 -0.63 -0.05
C HIS A 36 -9.46 -1.95 -0.72
N ILE A 37 -8.92 -3.04 -0.19
CA ILE A 37 -9.20 -4.37 -0.71
C ILE A 37 -10.34 -5.01 0.06
N ARG A 38 -11.34 -5.49 -0.67
CA ARG A 38 -12.45 -6.24 -0.09
CA ARG A 38 -12.44 -6.25 -0.08
C ARG A 38 -12.75 -7.49 -0.92
N LEU A 39 -12.50 -8.66 -0.33
CA LEU A 39 -12.81 -9.93 -0.97
C LEU A 39 -14.02 -10.57 -0.28
N LYS A 40 -14.35 -11.81 -0.66
CA LYS A 40 -15.50 -12.51 -0.08
C LYS A 40 -15.27 -12.89 1.38
N TYR A 41 -16.33 -12.91 2.18
CA TYR A 41 -16.25 -13.40 3.57
C TYR A 41 -15.62 -14.78 3.59
N GLY A 42 -14.65 -14.96 4.48
CA GLY A 42 -13.92 -16.23 4.59
C GLY A 42 -12.56 -16.18 3.91
N GLN A 43 -12.40 -15.27 2.96
CA GLN A 43 -11.14 -15.08 2.24
C GLN A 43 -10.19 -14.13 2.97
N ARG A 44 -8.90 -14.35 2.78
CA ARG A 44 -7.88 -13.48 3.33
C ARG A 44 -6.97 -12.94 2.23
N ILE A 45 -6.14 -11.96 2.58
CA ILE A 45 -5.33 -11.25 1.62
C ILE A 45 -3.85 -11.48 1.90
N HIS A 46 -3.15 -11.98 0.90
CA HIS A 46 -1.70 -12.12 0.96
C HIS A 46 -1.10 -10.95 0.18
N LEU A 47 -0.45 -10.07 0.91
CA LEU A 47 0.15 -8.86 0.37
C LEU A 47 1.66 -9.04 0.30
N SER A 48 2.24 -8.67 -0.84
CA SER A 48 3.68 -8.79 -1.04
C SER A 48 4.23 -7.56 -1.74
N PHE A 49 5.48 -7.23 -1.44
CA PHE A 49 6.11 -6.04 -1.98
C PHE A 49 7.10 -6.42 -3.07
N LEU A 50 6.81 -5.99 -4.30
CA LEU A 50 7.71 -6.24 -5.43
C LEU A 50 8.81 -5.19 -5.47
N ASP A 51 8.40 -3.93 -5.35
CA ASP A 51 9.30 -2.80 -5.37
C ASP A 51 8.92 -1.88 -4.23
N PHE A 52 9.91 -1.30 -3.58
CA PHE A 52 9.69 -0.34 -2.51
C PHE A 52 10.90 0.56 -2.33
N ASP A 53 10.69 1.85 -2.57
CA ASP A 53 11.74 2.87 -2.46
C ASP A 53 11.06 4.21 -2.17
N LEU A 54 10.99 4.56 -0.89
CA LEU A 54 10.49 5.86 -0.47
C LEU A 54 11.56 6.67 0.23
N GLU A 55 11.28 7.95 0.45
CA GLU A 55 12.14 8.77 1.30
C GLU A 55 12.30 8.09 2.66
N ASP A 56 13.52 8.11 3.20
CA ASP A 56 13.79 7.49 4.48
C ASP A 56 13.94 8.53 5.61
N ASP A 57 13.32 8.23 6.74
CA ASP A 57 13.66 8.89 8.00
C ASP A 57 13.24 8.01 9.19
N PRO A 58 13.86 8.21 10.37
CA PRO A 58 13.72 7.29 11.52
C PRO A 58 12.29 6.85 11.85
N GLY A 59 11.32 7.76 11.74
CA GLY A 59 9.92 7.43 12.03
C GLY A 59 9.00 7.35 10.82
N CYS A 60 9.57 7.46 9.62
CA CYS A 60 8.82 7.57 8.38
C CYS A 60 7.77 8.69 8.45
N LEU A 61 8.20 9.85 8.92
CA LEU A 61 7.30 10.97 9.16
C LEU A 61 7.04 11.75 7.88
N ALA A 62 7.91 11.57 6.90
CA ALA A 62 7.80 12.27 5.62
C ALA A 62 6.96 11.47 4.62
N ASP A 63 7.54 10.42 4.04
CA ASP A 63 6.84 9.56 3.08
C ASP A 63 6.68 8.18 3.65
N TYR A 64 5.52 7.58 3.40
CA TYR A 64 5.24 6.23 3.90
C TYR A 64 4.15 5.51 3.12
N VAL A 65 4.16 4.18 3.24
CA VAL A 65 2.99 3.37 2.97
C VAL A 65 2.55 2.75 4.29
N GLU A 66 1.29 2.99 4.66
CA GLU A 66 0.67 2.33 5.80
C GLU A 66 -0.26 1.19 5.38
N ILE A 67 -0.21 0.09 6.13
CA ILE A 67 -1.10 -1.05 5.91
C ILE A 67 -1.98 -1.27 7.15
N TYR A 68 -3.27 -1.45 6.89
CA TYR A 68 -4.26 -1.71 7.92
C TYR A 68 -4.97 -3.03 7.64
N ASP A 69 -5.05 -3.87 8.67
CA ASP A 69 -5.80 -5.12 8.63
C ASP A 69 -7.27 -4.83 8.93
N SER A 70 -7.87 -3.99 8.07
CA SER A 70 -9.27 -3.57 8.20
C SER A 70 -9.71 -2.85 6.93
N TYR A 71 -10.94 -2.36 6.90
CA TYR A 71 -11.43 -1.65 5.73
C TYR A 71 -11.31 -0.13 5.87
N ASP A 72 -10.66 0.31 6.94
CA ASP A 72 -10.36 1.73 7.15
C ASP A 72 -8.90 1.91 7.53
N ASP A 73 -8.49 3.17 7.67
CA ASP A 73 -7.13 3.48 8.11
C ASP A 73 -7.10 3.83 9.62
N VAL A 74 -7.98 3.18 10.39
CA VAL A 74 -8.09 3.41 11.84
C VAL A 74 -7.84 2.10 12.60
N HIS A 75 -8.48 1.03 12.15
CA HIS A 75 -8.43 -0.24 12.85
C HIS A 75 -7.39 -1.18 12.25
N GLY A 76 -6.80 -2.01 13.11
CA GLY A 76 -5.88 -3.06 12.68
C GLY A 76 -4.63 -2.60 11.97
N PHE A 77 -4.06 -1.48 12.42
CA PHE A 77 -2.77 -1.00 11.93
C PHE A 77 -1.72 -2.10 12.01
N VAL A 78 -1.16 -2.50 10.87
CA VAL A 78 -0.07 -3.47 10.88
C VAL A 78 1.32 -2.81 10.79
N GLY A 79 1.45 -1.77 9.98
CA GLY A 79 2.74 -1.12 9.87
C GLY A 79 2.83 0.09 8.96
N ARG A 80 3.90 0.85 9.16
CA ARG A 80 4.22 2.03 8.39
C ARG A 80 5.63 1.88 7.84
N TYR A 81 5.76 2.01 6.52
CA TYR A 81 6.99 1.67 5.85
C TYR A 81 7.50 2.81 4.97
N CYS A 82 8.82 3.01 5.00
CA CYS A 82 9.52 3.88 4.06
C CYS A 82 10.93 3.34 3.84
N GLY A 83 11.79 4.15 3.25
CA GLY A 83 13.13 3.71 2.91
C GLY A 83 13.13 2.77 1.72
N ASP A 84 14.26 2.11 1.49
CA ASP A 84 14.41 1.25 0.33
C ASP A 84 14.46 -0.24 0.65
N GLU A 85 14.15 -0.60 1.90
CA GLU A 85 13.98 -2.00 2.28
C GLU A 85 12.60 -2.50 1.85
N LEU A 86 12.54 -3.71 1.33
CA LEU A 86 11.28 -4.36 0.99
C LEU A 86 10.63 -4.85 2.26
N PRO A 87 9.43 -4.33 2.58
CA PRO A 87 8.72 -4.84 3.75
C PRO A 87 8.35 -6.30 3.55
N ASP A 88 8.34 -7.06 4.64
CA ASP A 88 7.96 -8.47 4.62
C ASP A 88 6.51 -8.59 4.18
N ASP A 89 6.15 -9.77 3.65
CA ASP A 89 4.76 -10.07 3.27
C ASP A 89 3.80 -9.83 4.41
N ILE A 90 2.60 -9.36 4.07
CA ILE A 90 1.56 -9.14 5.07
C ILE A 90 0.33 -9.99 4.72
N ILE A 91 -0.13 -10.79 5.69
CA ILE A 91 -1.34 -11.58 5.53
C ILE A 91 -2.43 -11.03 6.44
N SER A 92 -3.60 -10.77 5.87
CA SER A 92 -4.73 -10.21 6.60
C SER A 92 -5.39 -11.29 7.44
N THR A 93 -6.00 -10.90 8.56
CA THR A 93 -6.77 -11.84 9.38
C THR A 93 -8.23 -11.98 8.89
N GLY A 94 -8.66 -11.07 8.02
CA GLY A 94 -10.00 -11.10 7.45
C GLY A 94 -10.00 -10.77 5.96
N ASN A 95 -11.18 -10.48 5.43
CA ASN A 95 -11.35 -10.26 3.99
C ASN A 95 -11.06 -8.81 3.54
N VAL A 96 -10.53 -8.00 4.45
CA VAL A 96 -10.31 -6.58 4.17
C VAL A 96 -8.88 -6.11 4.48
N MET A 97 -8.38 -5.21 3.64
CA MET A 97 -7.08 -4.58 3.84
C MET A 97 -7.07 -3.17 3.26
N THR A 98 -6.39 -2.26 3.96
CA THR A 98 -6.29 -0.88 3.49
C THR A 98 -4.83 -0.43 3.41
N LEU A 99 -4.49 0.16 2.27
CA LEU A 99 -3.17 0.69 2.01
C LEU A 99 -3.28 2.20 1.85
N LYS A 100 -2.43 2.93 2.56
CA LYS A 100 -2.35 4.36 2.38
C LYS A 100 -0.93 4.77 2.05
N PHE A 101 -0.75 5.45 0.93
CA PHE A 101 0.51 6.05 0.57
C PHE A 101 0.42 7.56 0.72
N LEU A 102 1.43 8.15 1.36
CA LEU A 102 1.54 9.59 1.42
C LEU A 102 2.99 10.03 1.22
N SER A 103 3.18 11.00 0.33
CA SER A 103 4.45 11.73 0.24
C SER A 103 4.24 13.16 0.71
N ASP A 104 5.25 13.73 1.38
CA ASP A 104 5.18 15.12 1.82
C ASP A 104 5.65 16.11 0.75
N ALA A 105 6.04 17.31 1.15
CA ALA A 105 6.29 18.43 0.25
C ALA A 105 7.62 18.39 -0.51
N SER A 106 8.56 17.58 -0.02
CA SER A 106 9.89 17.53 -0.62
C SER A 106 10.47 16.12 -0.61
N VAL A 107 11.40 15.86 -1.53
CA VAL A 107 12.14 14.60 -1.64
C VAL A 107 11.27 13.43 -2.10
N THR A 108 11.60 12.89 -3.26
CA THR A 108 10.85 11.78 -3.82
C THR A 108 11.81 10.63 -4.01
N ALA A 109 11.26 9.46 -4.34
CA ALA A 109 12.06 8.27 -4.59
C ALA A 109 11.35 7.39 -5.62
N GLY A 110 11.90 6.21 -5.90
CA GLY A 110 11.40 5.32 -6.95
C GLY A 110 9.94 4.90 -6.85
N GLY A 111 9.45 4.75 -5.62
CA GLY A 111 8.07 4.35 -5.39
C GLY A 111 7.95 2.87 -5.13
N PHE A 112 6.80 2.29 -5.51
CA PHE A 112 6.51 0.90 -5.16
C PHE A 112 5.63 0.16 -6.16
N GLN A 113 5.71 -1.16 -6.10
CA GLN A 113 4.71 -2.05 -6.64
C GLN A 113 4.37 -3.06 -5.56
N ILE A 114 3.10 -3.08 -5.16
CA ILE A 114 2.62 -3.96 -4.12
C ILE A 114 1.51 -4.87 -4.68
N LYS A 115 1.70 -6.17 -4.49
CA LYS A 115 0.76 -7.16 -4.94
C LYS A 115 -0.11 -7.66 -3.79
N TYR A 116 -1.38 -7.92 -4.08
CA TYR A 116 -2.22 -8.71 -3.19
C TYR A 116 -2.82 -9.89 -3.95
N VAL A 117 -3.06 -10.98 -3.24
CA VAL A 117 -3.76 -12.12 -3.83
C VAL A 117 -4.72 -12.74 -2.80
N ALA A 118 -5.87 -13.16 -3.29
CA ALA A 118 -6.88 -13.86 -2.47
C ALA A 118 -6.33 -15.17 -1.91
N MET A 119 -6.69 -15.45 -0.66
CA MET A 119 -6.44 -16.76 -0.05
C MET A 119 -7.77 -17.37 0.38
N ASP A 120 -8.04 -18.58 -0.09
CA ASP A 120 -9.25 -19.34 0.25
C ASP A 120 -9.03 -20.21 1.48
N PRO A 121 -10.11 -20.41 2.29
CA PRO A 121 -10.07 -21.37 3.41
C PRO A 121 -10.02 -22.82 2.95
CO CO B . -12.81 1.06 17.43
CA CA C . 8.98 13.28 0.47
#